data_6NUX
#
_entry.id   6NUX
#
_cell.length_a   42.065
_cell.length_b   90.020
_cell.length_c   105.262
_cell.angle_alpha   90.00
_cell.angle_beta   90.00
_cell.angle_gamma   90.00
#
_symmetry.space_group_name_H-M   'P 21 21 21'
#
loop_
_entity.id
_entity.type
_entity.pdbx_description
1 polymer 'CD1A protein'
2 polymer Beta-2-microglobulin
3 non-polymer (2E,6E)-3,7,11-trimethyldodeca-2,6,10-trien-1-ol
4 non-polymer 1,2-ETHANEDIOL
5 water water
#
loop_
_entity_poly.entity_id
_entity_poly.type
_entity_poly.pdbx_seq_one_letter_code
_entity_poly.pdbx_strand_id
1 'polypeptide(L)'
;LKEPLSFHVIWIASFYNHSWKQNLVSGWLSDLQTHTWDSNSSTIVFLWPWSRGNFSNEEWKELETLFRIRTIRSFEGIRR
YAHELQFEYPFEIQVTGGCELHSGKVSGSFLQLAYQGSDFVSFQNNSWLPYPVAGNMAKHFCKVLNQNQHENDITHNLLS
DTCPRFILGLLDAGKAHLQRQVKPEAWLSHGPSPGPGHLQLVCHVSGFYPKPVWVMWMRGEQEQQGTQRGDILPSADGTW
YLRATLEVAAGEAADLSCRVKHSSLEGQDIVLYWEGSLVPRGS
;
A
2 'polypeptide(L)'
;IQRTPKIQVYSRHPAENGKSNFLNCYVSGFHPSDIEVDLLKNGERIEKVEHSDLSFSKDWSFYLLYYTEFTPTEKDEYAC
RVNHVTLSQPKIVKWDRDMGSLVP
;
B
#
loop_
_chem_comp.id
_chem_comp.type
_chem_comp.name
_chem_comp.formula
EDO non-polymer 1,2-ETHANEDIOL 'C2 H6 O2'
FOF non-polymer (2E,6E)-3,7,11-trimethyldodeca-2,6,10-trien-1-ol 'C15 H26 O'
#
# COMPACT_ATOMS: atom_id res chain seq x y z
N SER A 6 -14.56 6.26 -8.42
CA SER A 6 -13.37 6.80 -7.77
C SER A 6 -12.08 6.23 -8.36
N PHE A 7 -11.89 6.42 -9.66
CA PHE A 7 -10.69 5.95 -10.33
C PHE A 7 -9.62 7.03 -10.33
N HIS A 8 -8.38 6.63 -10.08
CA HIS A 8 -7.27 7.56 -10.10
C HIS A 8 -6.02 6.85 -10.59
N VAL A 9 -5.11 7.64 -11.17
CA VAL A 9 -3.86 7.15 -11.75
C VAL A 9 -2.70 7.77 -11.00
N ILE A 10 -1.70 6.95 -10.66
CA ILE A 10 -0.49 7.44 -10.01
C ILE A 10 0.66 7.31 -11.00
N TRP A 11 1.64 8.20 -10.84
CA TRP A 11 2.77 8.32 -11.77
C TRP A 11 4.02 8.58 -10.95
N ILE A 12 5.02 7.71 -11.09
CA ILE A 12 6.27 7.82 -10.35
C ILE A 12 7.41 7.92 -11.35
N ALA A 13 8.13 9.05 -11.33
CA ALA A 13 9.27 9.27 -12.19
C ALA A 13 10.46 9.68 -11.34
N SER A 14 11.51 8.86 -11.34
CA SER A 14 12.70 9.11 -10.57
C SER A 14 13.83 9.50 -11.52
N PHE A 15 14.37 10.70 -11.34
CA PHE A 15 15.45 11.22 -12.19
C PHE A 15 16.76 11.10 -11.43
N TYR A 16 17.52 10.04 -11.71
CA TYR A 16 18.79 9.84 -11.03
C TYR A 16 19.86 10.77 -11.58
N ASN A 17 19.95 10.91 -12.90
CA ASN A 17 20.80 11.92 -13.52
C ASN A 17 20.17 12.32 -14.85
N HIS A 18 20.92 13.07 -15.65
CA HIS A 18 20.41 13.53 -16.93
C HIS A 18 20.18 12.40 -17.92
N SER A 19 20.79 11.23 -17.70
CA SER A 19 20.71 10.13 -18.66
C SER A 19 20.20 8.83 -18.04
N TRP A 20 19.65 8.86 -16.83
CA TRP A 20 19.11 7.67 -16.20
C TRP A 20 17.83 8.03 -15.47
N LYS A 21 16.83 7.15 -15.55
CA LYS A 21 15.53 7.40 -14.95
C LYS A 21 14.80 6.07 -14.77
N GLN A 22 13.72 6.12 -14.00
CA GLN A 22 12.75 5.05 -13.92
C GLN A 22 11.35 5.65 -13.89
N ASN A 23 10.40 4.95 -14.51
CA ASN A 23 9.04 5.44 -14.65
C ASN A 23 8.09 4.31 -14.30
N LEU A 24 7.20 4.56 -13.34
CA LEU A 24 6.19 3.60 -12.92
C LEU A 24 4.82 4.25 -12.96
N VAL A 25 3.87 3.62 -13.63
CA VAL A 25 2.51 4.13 -13.77
C VAL A 25 1.53 3.01 -13.47
N SER A 26 0.40 3.35 -12.86
CA SER A 26 -0.62 2.37 -12.56
C SER A 26 -1.95 3.08 -12.34
N GLY A 27 -3.04 2.37 -12.65
CA GLY A 27 -4.38 2.88 -12.47
C GLY A 27 -5.09 2.11 -11.37
N TRP A 28 -5.98 2.80 -10.66
CA TRP A 28 -6.72 2.22 -9.49
C TRP A 28 -8.21 2.53 -9.57
N LEU A 29 -9.06 1.53 -9.32
CA LEU A 29 -10.52 1.73 -9.36
C LEU A 29 -10.95 2.46 -8.09
N SER A 30 -10.94 1.78 -6.96
CA SER A 30 -11.29 2.41 -5.67
C SER A 30 -10.06 2.31 -4.77
N ASP A 31 -9.53 1.09 -4.69
CA ASP A 31 -8.33 0.76 -3.88
C ASP A 31 -7.75 -0.50 -4.51
N LEU A 32 -8.37 -0.94 -5.60
CA LEU A 32 -7.89 -2.12 -6.32
C LEU A 32 -7.12 -1.68 -7.54
N GLN A 33 -5.87 -2.12 -7.66
CA GLN A 33 -5.06 -1.80 -8.83
C GLN A 33 -5.63 -2.51 -10.05
N THR A 34 -5.81 -1.76 -11.14
CA THR A 34 -6.46 -2.27 -12.34
C THR A 34 -5.60 -2.18 -13.60
N HIS A 35 -4.61 -1.30 -13.65
CA HIS A 35 -3.79 -1.14 -14.84
C HIS A 35 -2.34 -0.90 -14.42
N THR A 36 -1.43 -1.21 -15.35
CA THR A 36 -0.01 -0.95 -15.15
C THR A 36 0.60 -0.62 -16.50
N TRP A 37 1.54 0.33 -16.50
CA TRP A 37 2.23 0.72 -17.72
C TRP A 37 3.52 -0.08 -17.87
N ASP A 38 3.77 -0.58 -19.07
CA ASP A 38 5.01 -1.28 -19.39
C ASP A 38 5.94 -0.30 -20.09
N SER A 39 7.07 0.00 -19.44
CA SER A 39 7.99 0.97 -20.00
C SER A 39 8.62 0.48 -21.30
N ASN A 40 8.99 -0.81 -21.34
CA ASN A 40 9.62 -1.35 -22.54
C ASN A 40 8.59 -1.55 -23.66
N SER A 41 7.51 -2.28 -23.38
CA SER A 41 6.48 -2.50 -24.38
C SER A 41 5.77 -1.23 -24.78
N SER A 42 5.77 -0.22 -23.91
CA SER A 42 5.11 1.06 -24.18
C SER A 42 3.62 0.85 -24.46
N THR A 43 2.99 -0.02 -23.68
CA THR A 43 1.57 -0.34 -23.84
C THR A 43 0.93 -0.48 -22.47
N ILE A 44 -0.37 -0.26 -22.43
CA ILE A 44 -1.16 -0.45 -21.21
C ILE A 44 -1.42 -1.93 -21.02
N VAL A 45 -1.05 -2.46 -19.85
CA VAL A 45 -1.36 -3.84 -19.50
C VAL A 45 -2.61 -3.85 -18.63
N PHE A 46 -3.47 -4.83 -18.86
CA PHE A 46 -4.76 -4.93 -18.19
C PHE A 46 -4.67 -6.03 -17.14
N LEU A 47 -4.70 -5.64 -15.86
CA LEU A 47 -4.52 -6.60 -14.79
C LEU A 47 -5.65 -7.60 -14.72
N TRP A 48 -6.87 -7.20 -15.07
CA TRP A 48 -8.07 -8.00 -14.96
C TRP A 48 -8.85 -7.96 -16.27
N PRO A 49 -9.69 -8.96 -16.53
CA PRO A 49 -10.43 -8.95 -17.80
C PRO A 49 -11.39 -7.78 -17.93
N TRP A 50 -11.95 -7.29 -16.83
CA TRP A 50 -12.83 -6.14 -16.85
C TRP A 50 -12.08 -4.82 -16.77
N SER A 51 -10.76 -4.83 -16.93
CA SER A 51 -10.00 -3.59 -16.98
C SER A 51 -10.12 -2.89 -18.32
N ARG A 52 -10.47 -3.61 -19.39
CA ARG A 52 -10.63 -3.00 -20.70
C ARG A 52 -11.88 -2.14 -20.78
N GLY A 53 -12.83 -2.30 -19.85
CA GLY A 53 -14.06 -1.53 -19.89
C GLY A 53 -14.88 -1.87 -21.12
N ASN A 54 -15.77 -0.94 -21.46
CA ASN A 54 -16.54 -1.06 -22.69
C ASN A 54 -15.79 -0.54 -23.91
N PHE A 55 -14.56 -0.08 -23.74
CA PHE A 55 -13.74 0.37 -24.85
C PHE A 55 -13.08 -0.81 -25.53
N SER A 56 -13.01 -0.76 -26.86
CA SER A 56 -12.49 -1.87 -27.65
C SER A 56 -11.34 -1.36 -28.53
N ASN A 57 -10.24 -2.11 -28.54
CA ASN A 57 -9.08 -1.81 -29.37
C ASN A 57 -8.55 -0.40 -29.11
N GLU A 59 -10.15 2.44 -28.97
CA GLU A 59 -9.91 3.63 -28.16
C GLU A 59 -8.64 3.47 -27.32
N TRP A 60 -8.31 2.22 -27.00
CA TRP A 60 -7.13 1.97 -26.18
C TRP A 60 -5.84 2.31 -26.90
N LYS A 61 -5.82 2.18 -28.23
CA LYS A 61 -4.62 2.54 -29.00
C LYS A 61 -4.36 4.04 -28.92
N GLU A 62 -5.42 4.85 -28.93
CA GLU A 62 -5.25 6.29 -28.76
C GLU A 62 -4.87 6.64 -27.33
N LEU A 63 -5.50 5.98 -26.35
CA LEU A 63 -5.14 6.22 -24.95
C LEU A 63 -3.68 5.90 -24.68
N GLU A 64 -3.18 4.82 -25.31
CA GLU A 64 -1.77 4.48 -25.17
C GLU A 64 -0.88 5.56 -25.76
N THR A 65 -1.08 5.86 -27.05
CA THR A 65 -0.20 6.82 -27.72
C THR A 65 -0.36 8.23 -27.16
N LEU A 66 -1.52 8.56 -26.61
CA LEU A 66 -1.67 9.85 -25.93
C LEU A 66 -0.81 9.89 -24.68
N PHE A 67 -0.90 8.84 -23.85
CA PHE A 67 -0.03 8.75 -22.68
C PHE A 67 1.43 8.61 -23.10
N ARG A 68 1.70 7.93 -24.21
CA ARG A 68 3.07 7.79 -24.69
C ARG A 68 3.65 9.13 -25.08
N ILE A 69 2.89 9.95 -25.80
CA ILE A 69 3.36 11.27 -26.18
C ILE A 69 3.57 12.14 -24.95
N ARG A 70 2.56 12.19 -24.08
CA ARG A 70 2.63 13.09 -22.92
C ARG A 70 3.73 12.69 -21.94
N THR A 71 4.11 11.40 -21.91
CA THR A 71 5.26 11.02 -21.09
C THR A 71 6.57 11.32 -21.79
N ILE A 72 6.59 11.25 -23.13
CA ILE A 72 7.79 11.64 -23.86
C ILE A 72 8.07 13.12 -23.70
N ARG A 73 7.02 13.95 -23.77
N ARG A 73 7.02 13.95 -23.76
CA ARG A 73 7.20 15.39 -23.57
CA ARG A 73 7.22 15.39 -23.58
C ARG A 73 7.59 15.70 -22.15
C ARG A 73 7.56 15.74 -22.14
N SER A 74 7.00 14.99 -21.18
CA SER A 74 7.27 15.28 -19.77
C SER A 74 8.74 15.05 -19.42
N PHE A 75 9.27 13.88 -19.77
CA PHE A 75 10.65 13.56 -19.42
C PHE A 75 11.64 14.50 -20.11
N GLU A 76 11.45 14.75 -21.40
CA GLU A 76 12.34 15.66 -22.10
C GLU A 76 12.18 17.09 -21.60
N GLY A 77 10.94 17.49 -21.28
CA GLY A 77 10.73 18.83 -20.75
C GLY A 77 11.37 19.02 -19.39
N ILE A 78 11.28 18.01 -18.53
CA ILE A 78 11.92 18.08 -17.22
C ILE A 78 13.45 18.13 -17.36
N ARG A 79 13.99 17.34 -18.29
CA ARG A 79 15.43 17.35 -18.52
C ARG A 79 15.89 18.70 -19.07
N ARG A 80 15.09 19.31 -19.94
CA ARG A 80 15.48 20.59 -20.54
C ARG A 80 15.45 21.72 -19.52
N TYR A 81 14.36 21.81 -18.75
CA TYR A 81 14.17 22.90 -17.81
C TYR A 81 14.67 22.60 -16.40
N ALA A 82 15.38 21.49 -16.22
CA ALA A 82 15.81 21.10 -14.87
C ALA A 82 16.62 22.20 -14.20
N HIS A 83 17.65 22.70 -14.89
CA HIS A 83 18.49 23.74 -14.31
C HIS A 83 17.70 25.03 -14.09
N GLU A 84 16.78 25.36 -15.01
CA GLU A 84 16.00 26.58 -14.86
C GLU A 84 15.03 26.49 -13.70
N LEU A 85 14.52 25.29 -13.41
CA LEU A 85 13.58 25.07 -12.31
C LEU A 85 14.29 24.74 -11.00
N GLN A 86 15.62 24.82 -10.97
CA GLN A 86 16.41 24.48 -9.79
C GLN A 86 16.18 23.03 -9.33
N PHE A 87 15.88 22.15 -10.28
CA PHE A 87 15.77 20.73 -9.99
C PHE A 87 17.17 20.13 -9.92
N GLU A 88 17.52 19.57 -8.77
CA GLU A 88 18.85 19.02 -8.54
C GLU A 88 18.77 17.50 -8.51
N TYR A 89 19.60 16.86 -9.33
CA TYR A 89 19.64 15.40 -9.35
C TYR A 89 20.30 14.88 -8.08
N PRO A 90 19.82 13.75 -7.52
CA PRO A 90 18.65 13.02 -8.01
C PRO A 90 17.35 13.51 -7.38
N PHE A 91 16.30 13.64 -8.17
CA PHE A 91 15.00 14.07 -7.68
C PHE A 91 13.91 13.16 -8.22
N GLU A 92 12.76 13.19 -7.55
CA GLU A 92 11.61 12.38 -7.92
C GLU A 92 10.38 13.25 -8.04
N ILE A 93 9.59 13.00 -9.07
CA ILE A 93 8.33 13.69 -9.31
C ILE A 93 7.21 12.67 -9.25
N GLN A 94 6.20 12.93 -8.42
CA GLN A 94 5.05 12.08 -8.28
C GLN A 94 3.80 12.85 -8.69
N VAL A 95 2.93 12.20 -9.44
CA VAL A 95 1.68 12.78 -9.88
C VAL A 95 0.56 11.78 -9.58
N THR A 96 -0.57 12.27 -9.12
CA THR A 96 -1.78 11.47 -8.99
C THR A 96 -2.95 12.24 -9.54
N GLY A 97 -3.68 11.63 -10.46
CA GLY A 97 -4.83 12.26 -11.08
C GLY A 97 -6.01 11.33 -11.10
N GLY A 98 -7.18 11.86 -10.77
CA GLY A 98 -8.35 11.02 -10.66
C GLY A 98 -9.62 11.84 -10.61
N CYS A 99 -10.66 11.19 -10.09
CA CYS A 99 -12.02 11.69 -10.19
C CYS A 99 -12.90 10.86 -9.26
N GLU A 100 -14.20 11.11 -9.32
CA GLU A 100 -15.16 10.42 -8.46
C GLU A 100 -16.58 10.54 -9.01
N SER A 107 -18.61 14.48 -9.94
CA SER A 107 -18.75 14.89 -8.55
C SER A 107 -17.42 15.36 -7.96
N GLY A 108 -16.33 15.03 -8.64
CA GLY A 108 -15.02 15.44 -8.20
C GLY A 108 -13.92 15.07 -9.19
N SER A 109 -12.81 15.81 -9.15
CA SER A 109 -11.68 15.53 -10.03
C SER A 109 -10.46 16.23 -9.46
N PHE A 110 -9.29 15.63 -9.68
CA PHE A 110 -8.06 16.16 -9.11
C PHE A 110 -6.87 15.75 -9.97
N LEU A 111 -5.82 16.56 -9.89
CA LEU A 111 -4.55 16.24 -10.54
C LEU A 111 -3.47 17.01 -9.80
N GLN A 112 -2.67 16.31 -9.01
CA GLN A 112 -1.65 16.93 -8.16
C GLN A 112 -0.28 16.38 -8.52
N LEU A 113 0.73 17.22 -8.38
CA LEU A 113 2.11 16.87 -8.68
C LEU A 113 2.97 17.23 -7.48
N ALA A 114 3.91 16.35 -7.15
CA ALA A 114 4.83 16.58 -6.04
C ALA A 114 6.28 16.53 -6.53
N TYR A 115 7.12 17.34 -5.92
CA TYR A 115 8.56 17.35 -6.18
C TYR A 115 9.27 16.99 -4.88
N GLN A 116 10.09 15.94 -4.92
CA GLN A 116 10.78 15.42 -3.74
C GLN A 116 9.81 15.07 -2.62
N GLY A 117 8.61 14.62 -2.98
CA GLY A 117 7.64 14.19 -1.98
C GLY A 117 6.89 15.29 -1.28
N SER A 118 6.84 16.49 -1.85
CA SER A 118 6.08 17.59 -1.27
C SER A 118 5.21 18.23 -2.35
N ASP A 119 4.05 18.74 -1.93
CA ASP A 119 3.15 19.45 -2.82
C ASP A 119 3.89 20.53 -3.59
N PHE A 120 3.85 20.44 -4.93
CA PHE A 120 4.52 21.40 -5.79
C PHE A 120 3.52 22.20 -6.63
N VAL A 121 2.73 21.53 -7.47
CA VAL A 121 1.74 22.19 -8.30
C VAL A 121 0.50 21.31 -8.38
N SER A 122 -0.61 21.91 -8.77
CA SER A 122 -1.88 21.21 -8.89
C SER A 122 -2.65 21.79 -10.08
N PHE A 123 -3.45 20.94 -10.71
CA PHE A 123 -4.25 21.34 -11.87
C PHE A 123 -5.64 21.72 -11.39
N GLN A 124 -5.92 23.02 -11.40
CA GLN A 124 -7.26 23.52 -11.15
C GLN A 124 -7.93 23.78 -12.48
N ASN A 125 -9.09 24.45 -12.46
CA ASN A 125 -10.10 24.39 -13.52
C ASN A 125 -9.52 24.15 -14.92
N ASN A 126 -8.64 25.03 -15.40
CA ASN A 126 -8.13 24.87 -16.75
C ASN A 126 -6.63 25.15 -16.86
N SER A 127 -5.92 25.20 -15.74
CA SER A 127 -4.50 25.54 -15.78
C SER A 127 -3.81 24.96 -14.55
N TRP A 128 -2.48 24.92 -14.62
CA TRP A 128 -1.66 24.46 -13.50
C TRP A 128 -1.42 25.61 -12.55
N LEU A 129 -1.80 25.43 -11.28
CA LEU A 129 -1.57 26.44 -10.27
C LEU A 129 -0.50 25.99 -9.30
N PRO A 130 0.42 26.87 -8.92
CA PRO A 130 1.47 26.47 -7.98
C PRO A 130 0.94 26.46 -6.55
N TYR A 131 1.48 25.57 -5.75
CA TYR A 131 1.24 25.63 -4.33
C TYR A 131 2.05 26.80 -3.76
N PRO A 132 1.41 27.78 -3.12
CA PRO A 132 2.16 28.96 -2.64
C PRO A 132 3.37 28.64 -1.78
N VAL A 133 3.38 27.49 -1.08
CA VAL A 133 4.54 27.15 -0.26
C VAL A 133 5.74 26.78 -1.14
N ALA A 134 5.48 26.19 -2.30
CA ALA A 134 6.56 25.71 -3.17
C ALA A 134 7.38 26.85 -3.78
N GLY A 135 7.00 28.10 -3.56
CA GLY A 135 7.86 29.23 -3.90
C GLY A 135 7.83 29.59 -5.38
N ASN A 136 8.84 30.37 -5.77
CA ASN A 136 8.94 30.82 -7.16
C ASN A 136 9.23 29.67 -8.11
N MET A 137 9.88 28.61 -7.63
CA MET A 137 10.22 27.50 -8.51
C MET A 137 8.97 26.78 -9.00
N ALA A 138 7.89 26.77 -8.22
CA ALA A 138 6.64 26.20 -8.70
C ALA A 138 5.93 27.13 -9.68
N LYS A 139 6.05 28.44 -9.48
CA LYS A 139 5.48 29.38 -10.42
C LYS A 139 6.15 29.27 -11.80
N HIS A 140 7.48 29.15 -11.81
CA HIS A 140 8.18 28.94 -13.07
C HIS A 140 7.79 27.63 -13.72
N PHE A 141 7.54 26.59 -12.90
CA PHE A 141 7.12 25.31 -13.45
C PHE A 141 5.74 25.39 -14.06
N CYS A 142 4.83 26.16 -13.44
CA CYS A 142 3.51 26.37 -14.01
C CYS A 142 3.58 27.15 -15.32
N LYS A 143 4.58 28.02 -15.46
CA LYS A 143 4.73 28.75 -16.72
C LYS A 143 5.04 27.80 -17.87
N VAL A 144 5.90 26.81 -17.61
CA VAL A 144 6.21 25.81 -18.64
C VAL A 144 5.01 24.89 -18.87
N LEU A 145 4.31 24.52 -17.79
CA LEU A 145 3.18 23.60 -17.94
C LEU A 145 1.99 24.28 -18.60
N ASN A 146 1.88 25.61 -18.47
CA ASN A 146 0.78 26.37 -19.07
C ASN A 146 1.20 27.01 -20.39
N GLN A 147 2.27 26.53 -21.02
CA GLN A 147 2.72 27.09 -22.28
C GLN A 147 1.63 26.95 -23.36
N ASN A 148 1.08 25.76 -23.50
CA ASN A 148 0.06 25.47 -24.50
C ASN A 148 -1.27 25.30 -23.81
N GLN A 149 -2.22 26.21 -24.09
CA GLN A 149 -3.53 26.13 -23.46
C GLN A 149 -4.36 24.99 -24.00
N HIS A 150 -4.15 24.62 -25.27
CA HIS A 150 -4.86 23.47 -25.82
C HIS A 150 -4.49 22.19 -25.10
N GLU A 151 -3.21 22.06 -24.69
CA GLU A 151 -2.80 20.90 -23.91
C GLU A 151 -3.51 20.87 -22.56
N ASN A 152 -3.70 22.05 -21.94
CA ASN A 152 -4.43 22.10 -20.67
C ASN A 152 -5.92 21.82 -20.87
N ASP A 153 -6.48 22.24 -22.00
CA ASP A 153 -7.87 21.90 -22.30
C ASP A 153 -8.03 20.38 -22.48
N ILE A 154 -7.05 19.73 -23.09
CA ILE A 154 -7.07 18.28 -23.20
C ILE A 154 -7.01 17.66 -21.81
N THR A 155 -6.16 18.20 -20.94
CA THR A 155 -6.09 17.71 -19.57
C THR A 155 -7.40 17.94 -18.83
N HIS A 156 -8.05 19.07 -19.08
CA HIS A 156 -9.34 19.34 -18.46
C HIS A 156 -10.38 18.31 -18.89
N ASN A 157 -10.41 17.98 -20.18
CA ASN A 157 -11.39 17.03 -20.69
C ASN A 157 -11.13 15.61 -20.20
N LEU A 158 -9.86 15.27 -19.97
CA LEU A 158 -9.53 13.94 -19.45
C LEU A 158 -10.09 13.76 -18.03
N LEU A 159 -10.06 14.82 -17.22
CA LEU A 159 -10.53 14.71 -15.84
C LEU A 159 -12.03 14.82 -15.75
N SER A 160 -12.64 15.73 -16.50
CA SER A 160 -14.06 16.01 -16.38
C SER A 160 -14.92 15.11 -17.26
N ASP A 161 -14.42 14.70 -18.43
CA ASP A 161 -15.21 13.95 -19.39
C ASP A 161 -14.71 12.53 -19.61
N THR A 162 -13.42 12.36 -19.90
CA THR A 162 -12.90 11.04 -20.24
C THR A 162 -12.99 10.10 -19.05
N CYS A 163 -12.75 10.61 -17.83
CA CYS A 163 -12.77 9.73 -16.67
C CYS A 163 -14.17 9.19 -16.36
N PRO A 164 -15.23 10.01 -16.28
CA PRO A 164 -16.56 9.42 -16.02
C PRO A 164 -16.94 8.34 -17.01
N ARG A 165 -16.51 8.46 -18.27
CA ARG A 165 -16.71 7.38 -19.22
C ARG A 165 -15.84 6.17 -18.88
N PHE A 166 -14.71 6.38 -18.20
CA PHE A 166 -13.87 5.26 -17.80
C PHE A 166 -14.49 4.50 -16.64
N ILE A 167 -15.05 5.21 -15.66
CA ILE A 167 -15.70 4.56 -14.54
C ILE A 167 -16.95 3.81 -15.01
N LEU A 168 -17.67 4.38 -15.99
CA LEU A 168 -18.85 3.71 -16.52
C LEU A 168 -18.50 2.33 -17.06
N GLY A 169 -17.38 2.22 -17.79
CA GLY A 169 -16.97 0.94 -18.33
C GLY A 169 -16.29 0.02 -17.34
N LEU A 170 -15.82 0.56 -16.21
CA LEU A 170 -15.07 -0.22 -15.23
C LEU A 170 -15.92 -0.64 -14.04
N LEU A 171 -16.62 0.31 -13.41
CA LEU A 171 -17.39 0.00 -12.20
C LEU A 171 -18.49 -1.00 -12.49
N ASP A 172 -19.22 -0.81 -13.60
CA ASP A 172 -20.28 -1.75 -13.95
C ASP A 172 -19.71 -3.11 -14.35
N ALA A 173 -18.58 -3.12 -15.06
CA ALA A 173 -18.00 -4.38 -15.50
C ALA A 173 -17.43 -5.17 -14.34
N GLY A 174 -16.91 -4.51 -13.31
CA GLY A 174 -16.30 -5.19 -12.19
C GLY A 174 -16.96 -4.91 -10.86
N LYS A 175 -18.29 -4.73 -10.88
CA LYS A 175 -19.01 -4.47 -9.64
C LYS A 175 -19.02 -5.70 -8.73
N ALA A 176 -19.03 -6.90 -9.32
CA ALA A 176 -19.01 -8.12 -8.52
C ALA A 176 -17.69 -8.29 -7.77
N HIS A 177 -16.64 -7.58 -8.17
CA HIS A 177 -15.36 -7.69 -7.48
C HIS A 177 -15.33 -6.82 -6.23
N LEU A 178 -15.74 -5.55 -6.37
CA LEU A 178 -15.65 -4.62 -5.25
C LEU A 178 -16.67 -4.94 -4.16
N GLN A 179 -17.79 -5.58 -4.51
CA GLN A 179 -18.86 -5.86 -3.56
C GLN A 179 -18.84 -7.30 -3.05
N ARG A 180 -17.77 -8.05 -3.32
CA ARG A 180 -17.69 -9.41 -2.83
C ARG A 180 -17.41 -9.42 -1.33
N GLN A 181 -17.93 -10.45 -0.65
CA GLN A 181 -17.80 -10.59 0.79
C GLN A 181 -16.96 -11.83 1.09
N VAL A 182 -15.79 -11.63 1.68
CA VAL A 182 -14.87 -12.71 2.01
C VAL A 182 -14.73 -12.77 3.53
N LYS A 183 -15.07 -13.91 4.11
CA LYS A 183 -15.08 -14.03 5.56
C LYS A 183 -13.65 -14.00 6.11
N PRO A 184 -13.43 -13.37 7.26
CA PRO A 184 -12.11 -13.39 7.87
C PRO A 184 -11.87 -14.67 8.65
N GLU A 185 -10.59 -14.95 8.87
CA GLU A 185 -10.17 -15.91 9.88
C GLU A 185 -9.37 -15.16 10.94
N ALA A 186 -9.29 -15.73 12.13
CA ALA A 186 -8.62 -15.05 13.23
C ALA A 186 -7.87 -16.06 14.07
N TRP A 187 -6.88 -15.56 14.81
CA TRP A 187 -6.12 -16.40 15.74
C TRP A 187 -5.46 -15.49 16.76
N LEU A 188 -4.97 -16.12 17.84
CA LEU A 188 -4.39 -15.41 18.97
C LEU A 188 -2.91 -15.80 19.13
N SER A 189 -2.14 -14.86 19.67
CA SER A 189 -0.73 -15.12 19.92
C SER A 189 -0.23 -14.17 21.00
N HIS A 190 0.95 -14.48 21.54
CA HIS A 190 1.62 -13.60 22.48
C HIS A 190 2.35 -12.50 21.75
N GLY A 191 2.36 -11.31 22.34
CA GLY A 191 3.08 -10.19 21.79
C GLY A 191 4.48 -10.06 22.35
N PRO A 192 5.23 -9.05 21.87
CA PRO A 192 6.62 -8.85 22.33
C PRO A 192 6.76 -8.50 23.81
N SER A 193 5.65 -8.50 24.57
CA SER A 193 5.67 -8.39 26.02
C SER A 193 6.28 -7.09 26.53
N PRO A 194 5.58 -5.96 26.40
CA PRO A 194 6.08 -4.70 26.97
C PRO A 194 5.93 -4.70 28.48
N GLY A 195 6.99 -4.28 29.17
CA GLY A 195 6.93 -4.06 30.59
C GLY A 195 7.00 -5.32 31.43
N PRO A 196 7.74 -5.27 32.53
CA PRO A 196 7.83 -6.43 33.41
C PRO A 196 6.50 -6.70 34.09
N GLY A 197 6.20 -7.99 34.26
CA GLY A 197 4.95 -8.40 34.91
C GLY A 197 3.71 -8.27 34.07
N HIS A 198 3.84 -7.92 32.79
CA HIS A 198 2.70 -7.75 31.90
C HIS A 198 2.85 -8.66 30.68
N LEU A 199 1.72 -8.89 30.01
CA LEU A 199 1.67 -9.64 28.77
C LEU A 199 1.04 -8.80 27.68
N GLN A 200 1.39 -9.11 26.44
CA GLN A 200 0.77 -8.50 25.27
C GLN A 200 -0.02 -9.59 24.55
N LEU A 201 -1.34 -9.43 24.53
CA LEU A 201 -2.24 -10.38 23.87
C LEU A 201 -2.52 -9.86 22.48
N VAL A 202 -2.30 -10.69 21.46
CA VAL A 202 -2.43 -10.26 20.08
C VAL A 202 -3.56 -11.04 19.42
N CYS A 203 -4.49 -10.32 18.80
CA CYS A 203 -5.57 -10.90 18.03
C CYS A 203 -5.35 -10.56 16.56
N HIS A 204 -5.08 -11.57 15.76
CA HIS A 204 -4.86 -11.40 14.33
C HIS A 204 -6.17 -11.62 13.57
N VAL A 205 -6.41 -10.79 12.57
CA VAL A 205 -7.58 -10.93 11.70
C VAL A 205 -7.10 -10.77 10.25
N SER A 206 -7.24 -11.82 9.44
CA SER A 206 -6.76 -11.78 8.07
C SER A 206 -7.79 -12.39 7.14
N GLY A 207 -7.67 -12.07 5.86
CA GLY A 207 -8.48 -12.69 4.83
C GLY A 207 -9.84 -12.06 4.61
N PHE A 208 -10.12 -10.93 5.23
CA PHE A 208 -11.45 -10.33 5.11
C PHE A 208 -11.48 -9.30 3.97
N TYR A 209 -12.68 -9.11 3.42
CA TYR A 209 -12.95 -8.12 2.40
C TYR A 209 -14.46 -7.91 2.38
N PRO A 210 -14.95 -6.67 2.26
CA PRO A 210 -14.18 -5.42 2.11
C PRO A 210 -13.48 -4.98 3.40
N LYS A 211 -12.85 -3.80 3.35
CA LYS A 211 -11.94 -3.28 4.35
C LYS A 211 -12.57 -3.01 5.74
N PRO A 212 -13.78 -2.44 5.83
CA PRO A 212 -14.33 -2.15 7.17
C PRO A 212 -14.42 -3.40 8.04
N VAL A 213 -13.92 -3.28 9.27
CA VAL A 213 -13.85 -4.40 10.19
C VAL A 213 -13.89 -3.87 11.62
N TRP A 214 -14.36 -4.71 12.53
CA TRP A 214 -14.50 -4.40 13.95
C TRP A 214 -13.79 -5.51 14.74
N VAL A 215 -12.89 -5.12 15.63
CA VAL A 215 -12.17 -6.09 16.45
C VAL A 215 -11.84 -5.46 17.79
N MET A 216 -12.20 -6.16 18.87
CA MET A 216 -11.94 -5.67 20.22
C MET A 216 -11.62 -6.85 21.12
N TRP A 217 -10.71 -6.64 22.06
CA TRP A 217 -10.58 -7.56 23.19
C TRP A 217 -11.73 -7.33 24.15
N MET A 218 -12.23 -8.42 24.71
CA MET A 218 -13.43 -8.40 25.54
C MET A 218 -13.18 -9.13 26.85
N ARG A 219 -13.87 -8.70 27.90
CA ARG A 219 -14.08 -9.50 29.10
C ARG A 219 -15.60 -9.68 29.19
N GLY A 220 -16.08 -10.79 28.66
CA GLY A 220 -17.51 -10.98 28.53
C GLY A 220 -18.12 -10.00 27.55
N GLU A 221 -19.06 -9.19 28.02
CA GLU A 221 -19.70 -8.17 27.21
C GLU A 221 -19.04 -6.81 27.32
N GLN A 222 -17.96 -6.69 28.10
CA GLN A 222 -17.29 -5.42 28.32
C GLN A 222 -16.12 -5.28 27.35
N GLU A 223 -16.23 -4.33 26.43
CA GLU A 223 -15.12 -4.04 25.54
C GLU A 223 -13.93 -3.53 26.36
N GLN A 224 -12.75 -4.05 26.05
CA GLN A 224 -11.53 -3.65 26.75
C GLN A 224 -10.91 -2.47 26.00
N GLN A 225 -11.02 -1.27 26.58
CA GLN A 225 -10.61 -0.07 25.87
C GLN A 225 -9.10 0.07 25.77
N GLY A 226 -8.33 -0.84 26.34
CA GLY A 226 -6.91 -0.88 26.08
C GLY A 226 -6.54 -1.50 24.75
N THR A 227 -7.53 -1.97 23.99
CA THR A 227 -7.27 -2.61 22.71
C THR A 227 -6.62 -1.63 21.73
N GLN A 228 -5.40 -1.95 21.31
CA GLN A 228 -4.66 -1.13 20.35
C GLN A 228 -4.79 -1.76 18.98
N ARG A 229 -5.59 -1.14 18.12
CA ARG A 229 -5.84 -1.63 16.77
C ARG A 229 -4.74 -1.11 15.85
N GLY A 230 -4.05 -2.03 15.16
CA GLY A 230 -2.99 -1.67 14.26
C GLY A 230 -3.52 -1.11 12.94
N ASP A 231 -2.61 -0.95 11.99
CA ASP A 231 -3.00 -0.56 10.65
C ASP A 231 -3.61 -1.75 9.91
N ILE A 232 -4.56 -1.47 9.03
CA ILE A 232 -5.08 -2.50 8.14
C ILE A 232 -4.08 -2.68 7.00
N LEU A 233 -3.51 -3.87 6.89
CA LEU A 233 -2.42 -4.12 5.97
C LEU A 233 -2.90 -4.96 4.79
N PRO A 234 -2.37 -4.73 3.60
CA PRO A 234 -2.84 -5.47 2.42
C PRO A 234 -2.26 -6.86 2.35
N SER A 235 -3.02 -7.75 1.73
CA SER A 235 -2.56 -9.08 1.39
C SER A 235 -2.58 -9.23 -0.13
N ALA A 236 -1.64 -10.01 -0.65
CA ALA A 236 -1.48 -10.11 -2.10
C ALA A 236 -2.67 -10.78 -2.79
N ASP A 237 -3.55 -11.45 -2.04
CA ASP A 237 -4.74 -12.04 -2.63
C ASP A 237 -5.91 -11.08 -2.71
N GLY A 238 -5.72 -9.82 -2.32
CA GLY A 238 -6.78 -8.83 -2.35
C GLY A 238 -7.52 -8.65 -1.04
N THR A 239 -7.19 -9.43 -0.01
CA THR A 239 -7.83 -9.30 1.29
C THR A 239 -6.96 -8.44 2.21
N TRP A 240 -7.43 -8.26 3.44
CA TRP A 240 -6.80 -7.37 4.40
C TRP A 240 -6.41 -8.11 5.66
N TYR A 241 -5.51 -7.47 6.41
CA TYR A 241 -4.97 -8.03 7.65
C TYR A 241 -4.92 -6.95 8.70
N LEU A 242 -5.13 -7.34 9.96
CA LEU A 242 -5.14 -6.41 11.08
C LEU A 242 -4.73 -7.15 12.35
N ARG A 243 -3.91 -6.50 13.17
CA ARG A 243 -3.60 -6.96 14.51
C ARG A 243 -4.19 -6.00 15.53
N ALA A 244 -4.78 -6.57 16.59
CA ALA A 244 -5.30 -5.79 17.71
C ALA A 244 -4.67 -6.34 18.99
N THR A 245 -3.95 -5.48 19.70
CA THR A 245 -3.19 -5.89 20.86
C THR A 245 -3.79 -5.33 22.14
N LEU A 246 -3.67 -6.10 23.21
CA LEU A 246 -4.07 -5.67 24.55
C LEU A 246 -2.95 -6.01 25.51
N GLU A 247 -2.53 -5.03 26.29
CA GLU A 247 -1.51 -5.23 27.31
C GLU A 247 -2.20 -5.38 28.66
N VAL A 248 -1.90 -6.47 29.36
CA VAL A 248 -2.51 -6.78 30.65
C VAL A 248 -1.45 -7.29 31.60
N ALA A 249 -1.73 -7.18 32.90
CA ALA A 249 -0.88 -7.80 33.89
C ALA A 249 -1.04 -9.33 33.83
N ALA A 250 0.03 -10.03 34.21
CA ALA A 250 0.05 -11.49 34.05
C ALA A 250 -1.08 -12.17 34.81
N GLY A 251 -1.47 -11.62 35.94
CA GLY A 251 -2.54 -12.23 36.73
C GLY A 251 -3.92 -11.99 36.17
N GLU A 252 -4.16 -10.80 35.61
CA GLU A 252 -5.49 -10.38 35.20
C GLU A 252 -5.79 -10.69 33.74
N ALA A 253 -5.15 -11.72 33.16
CA ALA A 253 -5.44 -12.15 31.80
C ALA A 253 -6.57 -13.17 31.74
N ALA A 254 -7.42 -13.22 32.75
CA ALA A 254 -8.46 -14.23 32.86
C ALA A 254 -9.73 -13.78 32.17
N ASP A 255 -10.41 -14.75 31.51
CA ASP A 255 -11.70 -14.54 30.86
C ASP A 255 -11.64 -13.48 29.77
N LEU A 256 -10.47 -13.33 29.13
CA LEU A 256 -10.32 -12.40 28.03
C LEU A 256 -10.60 -13.10 26.71
N SER A 257 -11.22 -12.36 25.79
CA SER A 257 -11.57 -12.92 24.49
C SER A 257 -11.47 -11.84 23.43
N CYS A 258 -11.19 -12.26 22.20
CA CYS A 258 -11.19 -11.37 21.06
C CYS A 258 -12.45 -11.61 20.24
N ARG A 259 -13.15 -10.52 19.91
CA ARG A 259 -14.39 -10.56 19.15
C ARG A 259 -14.20 -9.79 17.86
N VAL A 260 -14.56 -10.42 16.74
CA VAL A 260 -14.43 -9.84 15.40
C VAL A 260 -15.81 -9.70 14.79
N LYS A 261 -16.14 -8.49 14.35
CA LYS A 261 -17.37 -8.24 13.61
C LYS A 261 -17.01 -7.87 12.18
N HIS A 262 -17.71 -8.46 11.21
CA HIS A 262 -17.45 -8.15 9.81
C HIS A 262 -18.74 -8.35 9.02
N SER A 263 -18.89 -7.54 7.96
CA SER A 263 -20.10 -7.59 7.16
C SER A 263 -20.35 -8.97 6.57
N SER A 264 -19.29 -9.72 6.29
CA SER A 264 -19.44 -11.05 5.68
C SER A 264 -20.02 -12.07 6.65
N LEU A 265 -19.95 -11.82 7.96
CA LEU A 265 -20.38 -12.80 8.95
C LEU A 265 -21.86 -12.74 9.26
N GLU A 266 -22.55 -11.65 8.89
CA GLU A 266 -23.98 -11.49 9.11
C GLU A 266 -24.36 -11.72 10.58
N GLY A 267 -23.67 -11.02 11.47
CA GLY A 267 -23.93 -11.10 12.89
C GLY A 267 -23.28 -12.26 13.60
N GLN A 268 -22.69 -13.21 12.88
CA GLN A 268 -22.04 -14.37 13.50
C GLN A 268 -20.59 -14.00 13.79
N ASP A 269 -20.40 -13.24 14.86
CA ASP A 269 -19.07 -12.75 15.21
C ASP A 269 -18.11 -13.92 15.47
N ILE A 270 -16.86 -13.72 15.11
CA ILE A 270 -15.81 -14.63 15.53
C ILE A 270 -15.42 -14.28 16.96
N VAL A 271 -15.41 -15.27 17.84
CA VAL A 271 -15.01 -15.09 19.23
C VAL A 271 -13.92 -16.11 19.54
N LEU A 272 -12.74 -15.63 19.90
CA LEU A 272 -11.64 -16.48 20.32
C LEU A 272 -11.31 -16.17 21.76
N TYR A 273 -10.89 -17.20 22.50
CA TYR A 273 -10.67 -17.07 23.94
C TYR A 273 -9.20 -17.30 24.28
N TRP A 274 -8.67 -16.44 25.16
CA TRP A 274 -7.31 -16.62 25.64
C TRP A 274 -7.28 -17.81 26.58
N GLU A 275 -6.96 -18.99 26.02
CA GLU A 275 -7.24 -20.25 26.67
C GLU A 275 -6.25 -21.30 26.20
N GLY A 276 -6.19 -22.41 26.94
CA GLY A 276 -5.35 -23.53 26.52
C GLY A 276 -3.89 -23.26 26.83
N SER A 277 -3.03 -23.55 25.84
CA SER A 277 -1.60 -23.31 26.01
C SER A 277 -1.25 -21.83 26.04
N LEU A 278 -2.20 -20.95 25.70
CA LEU A 278 -1.95 -19.51 25.76
C LEU A 278 -1.83 -19.02 27.20
N VAL A 279 -2.56 -19.62 28.13
CA VAL A 279 -2.65 -19.15 29.50
C VAL A 279 -1.31 -19.31 30.21
N PRO A 280 -0.73 -20.53 30.30
CA PRO A 280 -1.13 -21.88 29.91
C PRO A 280 -1.85 -22.62 31.03
N ARG A 281 -2.78 -23.50 30.67
CA ARG A 281 -3.54 -24.26 31.66
C ARG A 281 -2.69 -25.41 32.21
N GLY A 282 -3.23 -26.12 33.19
CA GLY A 282 -2.53 -27.24 33.80
C GLY A 282 -3.23 -28.56 33.59
N ILE B 1 11.12 15.89 1.82
CA ILE B 1 12.25 15.55 2.67
C ILE B 1 12.31 14.03 2.80
N GLN B 2 13.26 13.53 3.60
CA GLN B 2 13.46 12.10 3.76
C GLN B 2 12.57 11.56 4.88
N ARG B 3 12.07 10.34 4.69
CA ARG B 3 11.21 9.70 5.67
C ARG B 3 11.60 8.23 5.80
N THR B 4 11.76 7.77 7.04
CA THR B 4 12.24 6.41 7.28
C THR B 4 11.09 5.41 7.15
N PRO B 5 11.36 4.22 6.62
CA PRO B 5 10.28 3.26 6.38
C PRO B 5 9.75 2.64 7.66
N LYS B 6 8.44 2.42 7.69
CA LYS B 6 7.80 1.60 8.71
C LYS B 6 7.72 0.18 8.19
N ILE B 7 8.11 -0.79 9.02
CA ILE B 7 8.26 -2.19 8.60
C ILE B 7 7.34 -3.05 9.45
N GLN B 8 6.42 -3.76 8.80
CA GLN B 8 5.42 -4.58 9.49
C GLN B 8 5.38 -5.96 8.84
N VAL B 9 5.56 -7.01 9.64
CA VAL B 9 5.65 -8.39 9.17
C VAL B 9 4.46 -9.17 9.69
N TYR B 10 3.90 -10.03 8.84
CA TYR B 10 2.73 -10.81 9.22
C TYR B 10 2.57 -11.99 8.28
N SER B 11 1.91 -13.04 8.77
CA SER B 11 1.57 -14.19 7.96
C SER B 11 0.10 -14.14 7.55
N ARG B 12 -0.19 -14.77 6.42
CA ARG B 12 -1.57 -14.79 5.92
C ARG B 12 -2.46 -15.68 6.77
N HIS B 13 -1.92 -16.79 7.25
CA HIS B 13 -2.65 -17.76 8.07
C HIS B 13 -1.91 -17.96 9.38
N PRO B 14 -2.57 -18.53 10.40
CA PRO B 14 -1.84 -18.85 11.63
C PRO B 14 -0.71 -19.82 11.36
N ALA B 15 0.38 -19.64 12.11
CA ALA B 15 1.54 -20.50 11.95
C ALA B 15 1.20 -21.94 12.34
N GLU B 16 1.36 -22.86 11.40
CA GLU B 16 1.19 -24.29 11.68
C GLU B 16 2.30 -25.04 10.97
N ASN B 17 3.11 -25.76 11.75
CA ASN B 17 4.28 -26.44 11.19
C ASN B 17 3.86 -27.45 10.14
N GLY B 18 4.44 -27.31 8.94
CA GLY B 18 4.15 -28.21 7.84
C GLY B 18 3.06 -27.74 6.91
N LYS B 19 2.36 -26.66 7.24
CA LYS B 19 1.29 -26.13 6.42
C LYS B 19 1.80 -24.91 5.67
N SER B 20 1.58 -24.90 4.35
CA SER B 20 2.02 -23.77 3.53
C SER B 20 1.29 -22.50 3.95
N ASN B 21 1.99 -21.38 3.88
CA ASN B 21 1.48 -20.10 4.35
C ASN B 21 2.06 -19.01 3.45
N PHE B 22 1.81 -17.75 3.80
CA PHE B 22 2.39 -16.61 3.11
C PHE B 22 2.96 -15.64 4.14
N LEU B 23 4.25 -15.37 4.02
CA LEU B 23 4.92 -14.37 4.86
C LEU B 23 4.92 -13.03 4.15
N ASN B 24 4.50 -11.98 4.86
CA ASN B 24 4.37 -10.65 4.29
C ASN B 24 5.26 -9.67 5.01
N CYS B 25 5.78 -8.69 4.27
CA CYS B 25 6.50 -7.56 4.85
C CYS B 25 6.01 -6.30 4.17
N TYR B 26 5.20 -5.52 4.88
CA TYR B 26 4.64 -4.28 4.36
C TYR B 26 5.54 -3.12 4.78
N VAL B 27 6.19 -2.49 3.81
CA VAL B 27 7.09 -1.37 4.04
C VAL B 27 6.41 -0.11 3.53
N SER B 28 6.31 0.92 4.37
CA SER B 28 5.52 2.08 4.03
C SER B 28 6.11 3.33 4.67
N GLY B 29 5.61 4.49 4.24
CA GLY B 29 5.95 5.75 4.83
C GLY B 29 7.34 6.26 4.55
N PHE B 30 8.00 5.76 3.50
CA PHE B 30 9.38 6.11 3.24
C PHE B 30 9.50 7.03 2.03
N HIS B 31 10.65 7.71 1.96
CA HIS B 31 10.99 8.62 0.87
C HIS B 31 12.49 8.87 0.96
N PRO B 32 13.24 8.80 -0.15
CA PRO B 32 12.82 8.50 -1.53
C PRO B 32 12.48 7.03 -1.77
N SER B 33 12.18 6.67 -3.02
CA SER B 33 11.61 5.37 -3.33
C SER B 33 12.65 4.26 -3.41
N ASP B 34 13.92 4.57 -3.59
CA ASP B 34 14.93 3.53 -3.68
C ASP B 34 15.06 2.84 -2.33
N ILE B 35 14.89 1.52 -2.33
CA ILE B 35 14.89 0.74 -1.10
C ILE B 35 15.19 -0.70 -1.47
N GLU B 36 15.83 -1.42 -0.56
CA GLU B 36 16.09 -2.85 -0.74
C GLU B 36 15.50 -3.60 0.43
N VAL B 37 14.60 -4.53 0.13
CA VAL B 37 13.89 -5.32 1.13
C VAL B 37 14.13 -6.79 0.84
N ASP B 38 14.52 -7.55 1.86
CA ASP B 38 14.76 -8.98 1.74
C ASP B 38 13.99 -9.72 2.83
N LEU B 39 13.43 -10.87 2.46
CA LEU B 39 12.84 -11.79 3.42
C LEU B 39 13.89 -12.83 3.81
N LEU B 40 14.00 -13.10 5.11
CA LEU B 40 15.06 -13.95 5.64
C LEU B 40 14.49 -15.22 6.23
N LYS B 41 15.17 -16.33 6.00
CA LYS B 41 14.88 -17.61 6.65
C LYS B 41 16.15 -18.07 7.34
N ASN B 42 16.13 -18.08 8.68
CA ASN B 42 17.29 -18.45 9.49
C ASN B 42 18.50 -17.60 9.12
N GLY B 43 18.26 -16.30 8.90
CA GLY B 43 19.32 -15.38 8.54
C GLY B 43 19.76 -15.43 7.10
N GLU B 44 19.22 -16.34 6.29
CA GLU B 44 19.58 -16.47 4.90
C GLU B 44 18.50 -15.87 4.01
N ARG B 45 18.93 -15.17 2.97
CA ARG B 45 18.01 -14.47 2.08
C ARG B 45 17.17 -15.46 1.29
N ILE B 46 15.87 -15.21 1.22
CA ILE B 46 14.95 -16.07 0.47
C ILE B 46 14.89 -15.59 -0.98
N GLU B 47 15.07 -16.52 -1.90
CA GLU B 47 15.06 -16.20 -3.32
C GLU B 47 13.62 -16.13 -3.85
N LYS B 48 13.47 -15.44 -4.98
CA LYS B 48 12.21 -15.40 -5.72
C LYS B 48 11.06 -14.88 -4.86
N VAL B 49 11.31 -13.78 -4.16
CA VAL B 49 10.28 -13.10 -3.38
C VAL B 49 9.54 -12.14 -4.30
N GLU B 50 8.21 -12.13 -4.20
CA GLU B 50 7.39 -11.23 -4.98
C GLU B 50 7.11 -9.95 -4.20
N HIS B 51 6.91 -8.85 -4.93
CA HIS B 51 6.50 -7.61 -4.32
C HIS B 51 5.51 -6.91 -5.24
N SER B 52 4.61 -6.13 -4.62
CA SER B 52 3.61 -5.40 -5.37
C SER B 52 4.24 -4.21 -6.10
N ASP B 53 3.44 -3.57 -6.95
CA ASP B 53 3.90 -2.39 -7.66
C ASP B 53 4.07 -1.22 -6.71
N LEU B 54 5.16 -0.47 -6.87
CA LEU B 54 5.42 0.69 -6.05
C LEU B 54 4.27 1.69 -6.14
N SER B 55 3.76 2.11 -4.98
CA SER B 55 2.70 3.11 -4.91
C SER B 55 3.04 4.09 -3.79
N PHE B 56 2.20 5.12 -3.65
CA PHE B 56 2.39 6.10 -2.59
C PHE B 56 1.05 6.51 -2.01
N SER B 57 1.09 7.06 -0.80
CA SER B 57 -0.10 7.46 -0.07
C SER B 57 -0.46 8.90 -0.39
N LYS B 58 -1.43 9.45 0.36
CA LYS B 58 -1.85 10.83 0.14
C LYS B 58 -0.72 11.81 0.45
N ASP B 59 0.08 11.53 1.47
CA ASP B 59 1.21 12.39 1.83
C ASP B 59 2.44 12.15 0.97
N TRP B 60 2.30 11.41 -0.13
CA TRP B 60 3.35 11.13 -1.12
C TRP B 60 4.41 10.16 -0.63
N SER B 61 4.28 9.60 0.57
CA SER B 61 5.22 8.58 1.03
C SER B 61 4.91 7.26 0.35
N PHE B 62 5.97 6.51 0.01
CA PHE B 62 5.83 5.29 -0.75
C PHE B 62 5.50 4.11 0.15
N TYR B 63 4.97 3.05 -0.46
CA TYR B 63 4.72 1.80 0.26
C TYR B 63 4.82 0.63 -0.70
N LEU B 64 5.24 -0.52 -0.16
CA LEU B 64 5.46 -1.74 -0.92
C LEU B 64 5.10 -2.94 -0.04
N LEU B 65 4.53 -3.97 -0.66
CA LEU B 65 4.26 -5.24 -0.01
C LEU B 65 5.16 -6.31 -0.63
N TYR B 66 6.04 -6.87 0.20
CA TYR B 66 6.84 -8.04 -0.18
C TYR B 66 6.24 -9.29 0.44
N TYR B 67 6.20 -10.37 -0.34
CA TYR B 67 5.59 -11.60 0.15
C TYR B 67 6.19 -12.80 -0.56
N THR B 68 6.07 -13.95 0.10
CA THR B 68 6.49 -15.22 -0.48
C THR B 68 5.69 -16.34 0.19
N GLU B 69 5.46 -17.41 -0.57
CA GLU B 69 4.84 -18.60 -0.03
C GLU B 69 5.88 -19.41 0.73
N PHE B 70 5.53 -19.85 1.93
CA PHE B 70 6.50 -20.56 2.75
C PHE B 70 5.79 -21.60 3.62
N THR B 71 6.58 -22.55 4.11
CA THR B 71 6.09 -23.57 5.03
C THR B 71 6.99 -23.57 6.26
N PRO B 72 6.49 -23.10 7.41
CA PRO B 72 7.34 -23.06 8.60
C PRO B 72 7.48 -24.43 9.26
N THR B 73 8.64 -24.64 9.86
CA THR B 73 8.89 -25.76 10.75
C THR B 73 9.18 -25.22 12.14
N GLU B 74 9.47 -26.14 13.07
CA GLU B 74 9.62 -25.73 14.47
C GLU B 74 10.88 -24.90 14.68
N LYS B 75 11.97 -25.21 13.98
CA LYS B 75 13.22 -24.50 14.20
C LYS B 75 13.31 -23.20 13.43
N ASP B 76 12.52 -23.03 12.36
CA ASP B 76 12.72 -21.91 11.46
C ASP B 76 12.37 -20.58 12.12
N GLU B 77 13.10 -19.55 11.72
CA GLU B 77 12.89 -18.18 12.20
C GLU B 77 12.94 -17.25 11.00
N TYR B 78 11.87 -16.48 10.81
CA TYR B 78 11.75 -15.61 9.65
C TYR B 78 11.73 -14.15 10.06
N ALA B 79 12.17 -13.29 9.16
CA ALA B 79 12.26 -11.86 9.44
C ALA B 79 12.28 -11.10 8.11
N CYS B 80 12.25 -9.76 8.22
CA CYS B 80 12.30 -8.86 7.08
C CYS B 80 13.46 -7.90 7.27
N ARG B 81 14.31 -7.78 6.25
CA ARG B 81 15.48 -6.92 6.30
C ARG B 81 15.30 -5.79 5.30
N VAL B 82 15.39 -4.55 5.79
CA VAL B 82 15.17 -3.36 4.98
C VAL B 82 16.39 -2.45 5.12
N ASN B 83 16.86 -1.91 4.00
CA ASN B 83 17.90 -0.90 3.99
C ASN B 83 17.43 0.30 3.17
N HIS B 84 17.76 1.49 3.65
CA HIS B 84 17.27 2.73 3.08
C HIS B 84 18.26 3.83 3.45
N VAL B 85 18.24 4.91 2.65
CA VAL B 85 19.19 5.99 2.87
C VAL B 85 18.99 6.63 4.25
N THR B 86 17.80 6.50 4.82
CA THR B 86 17.52 7.02 6.16
C THR B 86 18.08 6.14 7.27
N LEU B 87 18.46 4.89 6.96
CA LEU B 87 18.93 3.95 7.97
C LEU B 87 20.45 3.94 8.03
N SER B 88 20.98 3.98 9.25
CA SER B 88 22.43 3.81 9.42
C SER B 88 22.86 2.39 9.10
N GLN B 89 22.00 1.41 9.40
CA GLN B 89 22.26 0.01 9.16
C GLN B 89 20.95 -0.66 8.78
N PRO B 90 21.02 -1.80 8.09
CA PRO B 90 19.78 -2.51 7.72
C PRO B 90 18.98 -2.89 8.96
N LYS B 91 17.69 -2.54 8.95
CA LYS B 91 16.80 -2.83 10.05
C LYS B 91 16.12 -4.17 9.82
N ILE B 92 16.12 -5.03 10.85
CA ILE B 92 15.57 -6.37 10.76
C ILE B 92 14.38 -6.46 11.69
N VAL B 93 13.22 -6.79 11.13
CA VAL B 93 11.98 -6.97 11.89
C VAL B 93 11.58 -8.43 11.79
N LYS B 94 11.40 -9.07 12.93
CA LYS B 94 11.11 -10.50 12.98
C LYS B 94 9.63 -10.77 12.70
N TRP B 95 9.35 -11.99 12.24
CA TRP B 95 8.00 -12.51 12.20
C TRP B 95 7.70 -13.13 13.56
N ASP B 96 6.81 -12.49 14.33
CA ASP B 96 6.49 -12.93 15.68
C ASP B 96 5.42 -14.02 15.62
N ARG B 97 5.80 -15.26 15.95
CA ARG B 97 4.86 -16.35 16.05
C ARG B 97 5.04 -17.06 17.38
N ASP B 98 3.96 -17.62 17.89
CA ASP B 98 3.99 -18.44 19.09
C ASP B 98 4.35 -19.88 18.73
N MET B 99 5.10 -20.53 19.61
CA MET B 99 5.44 -21.94 19.47
C MET B 99 4.75 -22.79 20.55
N GLY B 100 3.59 -22.33 21.03
CA GLY B 100 2.89 -23.01 22.09
C GLY B 100 3.57 -22.77 23.44
N SER B 101 3.05 -23.45 24.45
CA SER B 101 3.65 -23.40 25.76
C SER B 101 5.06 -23.99 25.72
N LEU B 102 5.93 -23.43 26.56
CA LEU B 102 7.33 -23.86 26.55
C LEU B 102 7.50 -25.21 27.27
N VAL B 103 7.11 -25.28 28.53
CA VAL B 103 7.29 -26.52 29.30
C VAL B 103 6.28 -27.55 28.83
N PRO B 104 6.63 -28.84 28.77
CA PRO B 104 5.70 -29.91 28.41
C PRO B 104 4.84 -30.38 29.59
C1 FOF C . -7.17 7.77 -16.59
C2 FOF C . -7.86 9.07 -16.92
C3 FOF C . -8.84 9.13 -18.05
C4 FOF C . -7.60 10.17 -16.20
C5 FOF C . -6.61 10.12 -15.05
C6 FOF C . -5.64 11.29 -15.14
C7 FOF C . -4.33 10.87 -15.77
C8 FOF C . -4.32 10.15 -17.09
C9 FOF C . -3.17 11.14 -15.16
C10 FOF C . -1.87 10.72 -15.78
C11 FOF C . -0.71 10.96 -14.82
C12 FOF C . 0.51 11.43 -15.57
C13 FOF C . 1.53 12.28 -14.87
C14 FOF C . 0.69 11.08 -16.85
C15 FOF C . 1.90 11.54 -17.63
O1 FOF C . 1.81 12.94 -17.93
C1 EDO D . -9.87 -16.33 5.37
O1 EDO D . -8.46 -16.57 5.33
C2 EDO D . -10.43 -16.28 3.95
O2 EDO D . -9.89 -15.18 3.23
C1 EDO E . -0.82 -4.60 12.03
O1 EDO E . -2.21 -4.32 12.25
C2 EDO E . 0.05 -3.72 12.91
O2 EDO E . -0.16 -2.34 12.58
C1 EDO F . -2.81 6.70 -4.41
O1 EDO F . -2.73 7.82 -3.51
C2 EDO F . -3.12 5.44 -3.63
O2 EDO F . -3.41 4.37 -4.52
#